data_4CRY
#
_entry.id   4CRY
#
_cell.length_a   86.400
_cell.length_b   86.400
_cell.length_c   81.000
_cell.angle_alpha   90.00
_cell.angle_beta   90.00
_cell.angle_gamma   90.00
#
_symmetry.space_group_name_H-M   'I 4'
#
loop_
_entity.id
_entity.type
_entity.pdbx_description
1 polymer 'ASPARTATE 1-DECARBOXYLASE'
2 polymer PANZ
3 polymer 'ASPARTATE 1-DECARBOXYLASE'
4 non-polymer 'ACETYL COENZYME *A'
5 non-polymer 'MAGNESIUM ION'
6 non-polymer 'CHLORIDE ION'
7 water water
#
loop_
_entity_poly.entity_id
_entity_poly.type
_entity_poly.pdbx_seq_one_letter_code
_entity_poly.pdbx_strand_id
1 'polypeptide(L)' MRGSHHHHHHGLVPRGSMIRTMLQGKLHRVKVTHADLHYEG A
2 'polypeptide(L)'
;MKLTIIRLEKFSDQDRIDLQKIWPEYSPSSLQVDDNHRIYAARFNERLLAAVRVTLSGTEGALDSLRVREVTRRRGVGQY
LLEEVLRNNPGVSCWWMADAGVEDRGVMTAFMQALGFTAQQGGWEKCSGLEHHHHHH
;
B
3 'polypeptide(L)'
;SCAIDQDFLDAAGILENEAIDIWNVTNGKRFSVYAIAAERGSRIISVNGAAAH(CSO)ASVGDIVIIASFVTMPDEEART
WRPNVAYFEGDNEMKRTAKAIPVQVA
;
G
#
loop_
_chem_comp.id
_chem_comp.type
_chem_comp.name
_chem_comp.formula
ACO non-polymer 'ACETYL COENZYME *A' 'C23 H38 N7 O17 P3 S'
CL non-polymer 'CHLORIDE ION' 'Cl -1'
MG non-polymer 'MAGNESIUM ION' 'Mg 2'
#
# COMPACT_ATOMS: atom_id res chain seq x y z
N SER A 17 9.29 -32.05 6.39
CA SER A 17 8.04 -31.88 5.58
C SER A 17 6.94 -31.00 6.24
N MET A 18 7.36 -29.85 6.80
CA MET A 18 6.46 -29.02 7.67
C MET A 18 5.75 -28.00 6.84
N ILE A 19 4.45 -27.96 7.02
CA ILE A 19 3.64 -27.14 6.21
C ILE A 19 3.10 -25.96 7.02
N ARG A 20 3.25 -24.75 6.55
CA ARG A 20 2.81 -23.53 7.16
C ARG A 20 1.49 -23.01 6.65
N THR A 21 0.72 -22.28 7.51
CA THR A 21 -0.49 -21.59 7.09
C THR A 21 -0.17 -20.13 6.96
N MET A 22 -0.33 -19.63 5.79
CA MET A 22 0.08 -18.27 5.39
C MET A 22 -1.10 -17.41 4.92
N LEU A 23 -1.06 -16.12 5.25
CA LEU A 23 -2.05 -15.17 4.62
C LEU A 23 -1.85 -15.27 3.11
N GLN A 24 -2.89 -15.52 2.36
CA GLN A 24 -2.91 -15.53 0.94
C GLN A 24 -3.24 -14.17 0.42
N GLY A 25 -4.29 -13.57 0.90
CA GLY A 25 -4.64 -12.24 0.45
C GLY A 25 -5.69 -11.63 1.37
N LYS A 26 -5.93 -10.35 1.24
CA LYS A 26 -6.87 -9.69 2.09
C LYS A 26 -7.49 -8.51 1.39
N LEU A 27 -8.75 -8.29 1.71
CA LEU A 27 -9.55 -7.12 1.34
C LEU A 27 -9.56 -6.28 2.57
N HIS A 28 -8.87 -5.10 2.53
CA HIS A 28 -8.71 -4.28 3.73
C HIS A 28 -9.73 -3.18 3.75
N ARG A 29 -10.66 -3.23 4.65
CA ARG A 29 -11.64 -2.19 4.98
C ARG A 29 -12.64 -1.97 3.89
N VAL A 30 -13.19 -3.06 3.41
CA VAL A 30 -14.39 -3.00 2.61
C VAL A 30 -15.59 -2.72 3.46
N LYS A 31 -16.68 -2.21 2.86
CA LYS A 31 -17.88 -1.94 3.62
C LYS A 31 -18.99 -2.88 3.17
N VAL A 32 -19.68 -3.41 4.11
CA VAL A 32 -20.80 -4.34 3.90
C VAL A 32 -21.94 -3.52 3.18
N THR A 33 -22.40 -4.03 2.05
CA THR A 33 -23.47 -3.39 1.26
C THR A 33 -24.79 -3.96 1.53
N HIS A 34 -24.85 -5.23 1.88
CA HIS A 34 -26.10 -5.95 2.10
C HIS A 34 -25.91 -6.98 3.17
N ALA A 35 -26.92 -7.22 4.03
CA ALA A 35 -26.85 -8.23 5.06
C ALA A 35 -28.27 -8.70 5.23
N ASP A 36 -28.46 -9.96 4.96
CA ASP A 36 -29.81 -10.51 4.92
C ASP A 36 -29.76 -11.97 5.33
N LEU A 37 -30.51 -12.24 6.39
CA LEU A 37 -30.59 -13.61 6.94
C LEU A 37 -31.23 -14.62 6.00
N HIS A 38 -32.06 -14.06 5.07
CA HIS A 38 -32.70 -14.95 4.17
C HIS A 38 -32.03 -15.17 2.82
N TYR A 39 -30.98 -14.44 2.58
CA TYR A 39 -30.19 -14.71 1.36
C TYR A 39 -29.39 -15.98 1.56
N GLU A 40 -29.07 -16.62 0.47
CA GLU A 40 -28.17 -17.75 0.41
C GLU A 40 -26.67 -17.18 0.24
N GLY A 41 -25.60 -17.84 0.81
N GLY A 41 -25.98 -17.57 1.22
CA GLY A 41 -25.53 -18.44 2.30
CA GLY A 41 -26.67 -18.29 2.30
C GLY A 41 -25.04 -19.85 2.77
C GLY A 41 -26.08 -19.62 2.73
N MET B 1 -2.41 3.62 10.34
CA MET B 1 -3.14 3.36 9.14
C MET B 1 -2.24 2.76 8.06
N LYS B 2 -2.86 2.22 6.99
CA LYS B 2 -2.16 1.58 5.86
C LYS B 2 -1.13 2.55 5.28
N LEU B 3 -0.23 2.03 4.55
CA LEU B 3 0.80 2.92 3.85
C LEU B 3 0.14 3.97 3.00
N THR B 4 0.53 5.22 3.27
CA THR B 4 -0.06 6.42 2.64
C THR B 4 1.09 7.35 2.31
N ILE B 5 1.00 7.96 1.12
CA ILE B 5 2.05 8.93 0.71
C ILE B 5 1.48 10.37 1.03
N ILE B 6 2.23 11.10 1.82
CA ILE B 6 1.76 12.44 2.22
C ILE B 6 2.76 13.47 1.75
N ARG B 7 2.21 14.65 1.42
CA ARG B 7 3.12 15.85 1.26
C ARG B 7 3.22 16.54 2.64
N LEU B 8 4.42 16.73 3.13
CA LEU B 8 4.69 17.34 4.43
C LEU B 8 4.81 18.87 4.24
N GLU B 9 3.93 19.62 4.87
CA GLU B 9 4.04 21.12 4.84
C GLU B 9 4.43 21.67 6.20
N LYS B 10 4.04 20.91 7.22
CA LYS B 10 4.35 21.21 8.60
C LYS B 10 4.82 19.89 9.16
N PHE B 11 5.64 20.01 10.19
CA PHE B 11 6.22 18.85 10.85
C PHE B 11 5.82 18.86 12.28
N SER B 12 5.24 17.74 12.71
CA SER B 12 5.00 17.43 14.12
C SER B 12 6.32 17.04 14.80
N ASP B 13 6.31 16.87 16.12
CA ASP B 13 7.50 16.41 16.84
C ASP B 13 7.87 15.01 16.33
N GLN B 14 6.85 14.22 16.17
CA GLN B 14 7.08 12.85 15.66
C GLN B 14 7.71 12.83 14.22
N ASP B 15 7.22 13.73 13.35
CA ASP B 15 7.75 13.84 12.00
C ASP B 15 9.23 14.18 12.11
N ARG B 16 9.61 15.01 13.08
CA ARG B 16 10.99 15.43 13.25
CA ARG B 16 11.02 15.41 13.20
C ARG B 16 11.89 14.28 13.70
N ILE B 17 11.38 13.47 14.62
CA ILE B 17 12.08 12.30 15.05
C ILE B 17 12.27 11.30 13.88
N ASP B 18 11.18 11.04 13.14
CA ASP B 18 11.23 10.03 12.07
C ASP B 18 12.14 10.46 10.89
N LEU B 19 12.10 11.78 10.61
CA LEU B 19 12.97 12.32 9.56
C LEU B 19 14.40 12.31 9.91
N GLN B 20 14.74 12.39 11.21
CA GLN B 20 16.13 12.17 11.70
CA GLN B 20 16.12 12.22 11.64
C GLN B 20 16.63 10.77 11.41
N LYS B 21 15.71 9.77 11.50
CA LYS B 21 16.04 8.41 11.26
C LYS B 21 16.11 8.10 9.83
N ILE B 22 15.37 8.82 9.00
CA ILE B 22 15.46 8.63 7.60
C ILE B 22 16.71 9.28 6.99
N TRP B 23 16.94 10.50 7.44
CA TRP B 23 18.05 11.41 6.95
C TRP B 23 18.89 11.92 8.12
N PRO B 24 19.72 11.07 8.60
CA PRO B 24 20.46 11.46 9.76
C PRO B 24 21.46 12.60 9.41
N GLU B 25 21.89 12.59 8.15
CA GLU B 25 22.67 13.74 7.65
C GLU B 25 22.05 15.14 7.57
N TYR B 26 20.74 15.32 7.74
CA TYR B 26 20.11 16.63 7.70
C TYR B 26 19.65 16.95 9.07
N SER B 27 19.66 18.22 9.45
CA SER B 27 19.28 18.60 10.82
C SER B 27 18.09 19.59 11.02
N PRO B 28 17.35 19.94 9.95
CA PRO B 28 16.15 20.78 9.92
C PRO B 28 15.49 21.30 11.19
N SER B 29 15.15 22.60 11.21
CA SER B 29 15.15 23.44 10.00
C SER B 29 16.52 23.48 9.29
N SER B 30 16.47 23.88 8.02
CA SER B 30 17.41 23.47 6.98
C SER B 30 16.55 22.73 5.98
N LEU B 31 15.42 22.19 6.47
CA LEU B 31 14.32 21.72 5.61
C LEU B 31 13.28 22.81 5.44
N GLN B 32 13.56 23.72 4.53
CA GLN B 32 12.61 24.72 4.14
C GLN B 32 11.74 24.07 3.03
N VAL B 33 10.44 24.13 3.24
CA VAL B 33 9.48 23.61 2.25
C VAL B 33 8.76 24.82 1.74
N ASP B 34 8.39 24.84 0.48
CA ASP B 34 7.44 25.86 -0.04
C ASP B 34 6.82 25.25 -1.26
N ASP B 35 6.13 26.03 -2.07
CA ASP B 35 5.42 25.44 -3.20
C ASP B 35 6.25 24.71 -4.22
N ASN B 36 7.50 25.10 -4.41
CA ASN B 36 8.35 24.43 -5.37
C ASN B 36 9.37 23.48 -4.79
N HIS B 37 9.52 23.46 -3.46
CA HIS B 37 10.54 22.65 -2.78
C HIS B 37 9.72 21.84 -1.74
N ARG B 38 9.42 20.56 -2.10
CA ARG B 38 8.40 19.72 -1.40
C ARG B 38 9.11 18.53 -0.80
N ILE B 39 8.57 18.12 0.32
CA ILE B 39 8.97 16.77 0.93
C ILE B 39 7.73 15.89 0.92
N TYR B 40 7.87 14.71 0.35
CA TYR B 40 6.84 13.60 0.31
C TYR B 40 7.43 12.53 1.20
N ALA B 41 6.50 11.87 1.94
CA ALA B 41 6.93 10.88 2.84
C ALA B 41 5.86 9.76 2.77
N ALA B 42 6.29 8.61 3.18
CA ALA B 42 5.46 7.38 3.28
C ALA B 42 5.21 7.13 4.75
N ARG B 43 3.94 7.09 5.11
CA ARG B 43 3.47 6.99 6.50
C ARG B 43 2.79 5.58 6.64
N PHE B 44 3.14 4.87 7.73
CA PHE B 44 2.50 3.57 8.05
C PHE B 44 2.37 3.53 9.54
N ASN B 45 1.19 3.26 10.08
CA ASN B 45 1.00 3.09 11.50
C ASN B 45 1.64 4.22 12.34
N GLU B 46 1.39 5.42 11.83
CA GLU B 46 1.74 6.66 12.54
C GLU B 46 3.26 6.92 12.56
N ARG B 47 3.99 6.35 11.63
CA ARG B 47 5.47 6.63 11.54
C ARG B 47 5.88 6.84 10.13
N LEU B 48 6.84 7.71 9.88
CA LEU B 48 7.39 7.82 8.58
C LEU B 48 8.45 6.80 8.20
N LEU B 49 8.24 6.10 7.14
CA LEU B 49 9.13 5.02 6.72
C LEU B 49 10.17 5.43 5.69
N ALA B 50 9.88 6.51 4.95
CA ALA B 50 10.71 6.82 3.74
C ALA B 50 10.38 8.30 3.47
N ALA B 51 11.27 8.96 2.72
CA ALA B 51 10.96 10.31 2.25
C ALA B 51 11.81 10.63 1.05
N VAL B 52 11.40 11.72 0.35
CA VAL B 52 12.14 12.16 -0.87
C VAL B 52 11.90 13.65 -0.96
N ARG B 53 12.91 14.39 -1.54
CA ARG B 53 12.72 15.85 -1.78
C ARG B 53 12.46 16.02 -3.27
N VAL B 54 11.58 16.99 -3.59
CA VAL B 54 11.13 17.24 -4.91
C VAL B 54 11.30 18.76 -5.10
N THR B 55 11.96 19.07 -6.20
CA THR B 55 12.16 20.48 -6.74
C THR B 55 11.50 20.64 -8.07
N LEU B 56 10.47 21.51 -8.05
CA LEU B 56 9.61 21.73 -9.23
C LEU B 56 10.04 23.05 -9.95
N SER B 57 10.15 22.95 -11.27
CA SER B 57 10.36 24.09 -12.19
C SER B 57 9.49 23.92 -13.37
N GLY B 58 8.20 23.95 -13.18
CA GLY B 58 7.23 23.86 -14.17
C GLY B 58 7.14 22.50 -14.76
N THR B 59 7.46 22.35 -16.07
CA THR B 59 7.44 21.06 -16.73
C THR B 59 8.72 20.17 -16.38
N GLU B 60 9.69 20.72 -15.65
CA GLU B 60 10.88 19.98 -15.20
C GLU B 60 10.73 19.76 -13.71
N GLY B 61 11.13 18.55 -13.27
CA GLY B 61 11.22 18.27 -11.83
C GLY B 61 12.39 17.43 -11.49
N ALA B 62 12.89 17.72 -10.31
CA ALA B 62 14.06 16.96 -9.76
C ALA B 62 13.74 16.32 -8.44
N LEU B 63 14.34 15.15 -8.28
CA LEU B 63 14.15 14.37 -7.06
C LEU B 63 15.51 14.26 -6.41
N ASP B 64 15.57 14.37 -5.08
CA ASP B 64 16.80 14.07 -4.39
C ASP B 64 16.50 13.44 -3.00
N SER B 65 17.53 12.88 -2.43
CA SER B 65 17.43 12.43 -1.09
C SER B 65 16.38 11.28 -0.89
N LEU B 66 16.21 10.45 -1.89
CA LEU B 66 15.23 9.33 -1.73
C LEU B 66 15.84 8.29 -0.74
N ARG B 67 15.16 8.01 0.37
CA ARG B 67 15.62 6.91 1.21
C ARG B 67 14.43 6.24 1.88
N VAL B 68 14.49 4.87 1.82
CA VAL B 68 13.57 4.03 2.64
C VAL B 68 14.33 3.47 3.78
N ARG B 69 13.77 3.58 4.98
CA ARG B 69 14.39 2.94 6.17
CA ARG B 69 14.54 3.05 6.12
C ARG B 69 14.88 1.52 5.87
N GLU B 70 16.13 1.13 6.28
CA GLU B 70 16.63 -0.21 5.87
C GLU B 70 15.76 -1.36 6.41
N VAL B 71 15.20 -1.16 7.58
CA VAL B 71 14.31 -2.21 8.21
C VAL B 71 13.11 -2.61 7.33
N THR B 72 12.65 -1.73 6.43
CA THR B 72 11.39 -1.98 5.70
C THR B 72 11.61 -1.95 4.21
N ARG B 73 12.87 -2.21 3.75
CA ARG B 73 13.10 -2.35 2.34
C ARG B 73 12.51 -3.55 1.67
N ARG B 74 12.37 -3.54 0.34
CA ARG B 74 11.83 -4.56 -0.48
C ARG B 74 10.40 -5.03 -0.09
N ARG B 75 9.59 -4.08 0.33
CA ARG B 75 8.16 -4.29 0.59
CA ARG B 75 8.20 -4.27 0.64
C ARG B 75 7.33 -3.27 -0.17
N GLY B 76 7.90 -2.67 -1.24
CA GLY B 76 7.09 -1.79 -2.10
C GLY B 76 6.93 -0.35 -1.56
N VAL B 77 7.59 0.06 -0.50
CA VAL B 77 7.44 1.39 0.08
C VAL B 77 8.06 2.44 -0.93
N GLY B 78 9.26 2.20 -1.42
CA GLY B 78 9.86 3.19 -2.32
C GLY B 78 9.13 3.28 -3.58
N GLN B 79 8.65 2.19 -4.12
CA GLN B 79 7.95 2.29 -5.33
C GLN B 79 6.63 3.10 -5.21
N TYR B 80 5.86 2.83 -4.17
CA TYR B 80 4.61 3.58 -3.98
C TYR B 80 4.88 5.08 -3.75
N LEU B 81 5.89 5.40 -2.97
CA LEU B 81 6.32 6.79 -2.71
C LEU B 81 6.55 7.55 -4.06
N LEU B 82 7.32 6.96 -4.93
CA LEU B 82 7.69 7.58 -6.27
C LEU B 82 6.57 7.60 -7.18
N GLU B 83 5.78 6.53 -7.21
CA GLU B 83 4.51 6.53 -7.98
C GLU B 83 3.55 7.68 -7.66
N GLU B 84 3.36 7.91 -6.38
CA GLU B 84 2.46 8.89 -5.93
C GLU B 84 3.07 10.28 -6.13
N VAL B 85 4.37 10.43 -5.97
CA VAL B 85 4.97 11.76 -6.29
C VAL B 85 4.72 12.07 -7.75
N LEU B 86 4.91 11.14 -8.66
CA LEU B 86 4.67 11.42 -10.07
C LEU B 86 3.20 11.70 -10.33
N ARG B 87 2.32 10.89 -9.78
CA ARG B 87 0.93 11.09 -10.03
CA ARG B 87 0.89 11.07 -9.94
C ARG B 87 0.40 12.42 -9.51
N ASN B 88 0.93 12.92 -8.40
CA ASN B 88 0.42 14.16 -7.85
CA ASN B 88 0.43 14.14 -7.80
C ASN B 88 1.04 15.44 -8.44
N ASN B 89 1.92 15.24 -9.43
CA ASN B 89 2.63 16.29 -10.20
C ASN B 89 2.57 16.00 -11.68
N PRO B 90 1.32 15.93 -12.22
CA PRO B 90 0.96 15.63 -13.56
C PRO B 90 1.45 16.71 -14.54
N GLY B 91 1.78 17.89 -14.02
CA GLY B 91 2.37 18.99 -14.93
C GLY B 91 3.81 18.74 -15.40
N VAL B 92 4.51 17.86 -14.68
CA VAL B 92 5.87 17.56 -14.93
C VAL B 92 6.04 16.56 -15.99
N SER B 93 6.70 16.95 -17.04
CA SER B 93 6.98 16.03 -18.16
C SER B 93 8.39 15.45 -18.18
N CYS B 94 9.33 16.03 -17.43
CA CYS B 94 10.70 15.56 -17.41
C CYS B 94 11.16 15.47 -16.00
N TRP B 95 11.54 14.28 -15.51
CA TRP B 95 12.03 14.07 -14.17
C TRP B 95 13.46 13.62 -14.18
N TRP B 96 14.22 14.15 -13.24
CA TRP B 96 15.66 13.82 -13.10
C TRP B 96 15.97 13.51 -11.65
N MET B 97 16.73 12.47 -11.42
CA MET B 97 17.31 12.17 -10.14
CA MET B 97 17.33 12.24 -10.13
C MET B 97 18.80 11.99 -10.27
N ALA B 98 19.60 12.79 -9.54
CA ALA B 98 21.08 12.69 -9.52
C ALA B 98 21.51 11.47 -8.71
N ASP B 99 22.67 10.92 -9.02
CA ASP B 99 23.17 9.78 -8.27
C ASP B 99 23.89 10.17 -6.98
N ALA B 100 23.57 11.37 -6.46
CA ALA B 100 24.23 11.96 -5.27
C ALA B 100 23.80 11.31 -4.03
N GLY B 101 24.84 10.92 -3.28
CA GLY B 101 24.71 10.18 -2.03
C GLY B 101 24.19 8.78 -2.11
N VAL B 102 23.91 8.25 -3.30
CA VAL B 102 23.28 6.95 -3.39
C VAL B 102 24.28 5.95 -2.87
N GLU B 103 23.85 5.11 -1.92
CA GLU B 103 24.77 4.13 -1.28
C GLU B 103 25.21 2.99 -2.18
N ASP B 104 24.31 2.51 -3.02
CA ASP B 104 24.48 1.39 -3.95
C ASP B 104 23.82 1.70 -5.28
N ARG B 105 24.59 2.18 -6.27
CA ARG B 105 24.01 2.65 -7.55
CA ARG B 105 24.03 2.65 -7.49
C ARG B 105 23.34 1.57 -8.33
N GLY B 106 23.86 0.34 -8.21
CA GLY B 106 23.31 -0.81 -8.94
C GLY B 106 21.88 -1.27 -8.48
N VAL B 107 21.66 -1.23 -7.19
CA VAL B 107 20.27 -1.31 -6.59
C VAL B 107 19.41 -0.14 -6.96
N MET B 108 19.93 1.04 -6.85
CA MET B 108 19.15 2.23 -7.34
C MET B 108 18.76 2.13 -8.82
N THR B 109 19.62 1.61 -9.69
CA THR B 109 19.28 1.48 -11.10
C THR B 109 18.21 0.47 -11.37
N ALA B 110 18.31 -0.70 -10.69
CA ALA B 110 17.29 -1.67 -10.73
C ALA B 110 15.93 -1.10 -10.29
N PHE B 111 15.95 -0.34 -9.22
CA PHE B 111 14.73 0.28 -8.72
C PHE B 111 14.18 1.32 -9.75
N MET B 112 15.07 2.22 -10.18
CA MET B 112 14.62 3.30 -11.03
C MET B 112 14.09 2.75 -12.35
N GLN B 113 14.73 1.68 -12.80
CA GLN B 113 14.31 1.08 -14.05
C GLN B 113 12.96 0.45 -13.91
N ALA B 114 12.71 -0.16 -12.74
CA ALA B 114 11.39 -0.74 -12.46
C ALA B 114 10.34 0.32 -12.47
N LEU B 115 10.74 1.56 -12.23
CA LEU B 115 9.83 2.65 -12.24
CA LEU B 115 9.80 2.65 -12.25
C LEU B 115 9.76 3.43 -13.56
N GLY B 116 10.43 2.94 -14.61
CA GLY B 116 10.38 3.49 -15.96
C GLY B 116 11.41 4.56 -16.29
N PHE B 117 12.40 4.71 -15.43
CA PHE B 117 13.48 5.67 -15.59
C PHE B 117 14.60 4.99 -16.37
N THR B 118 15.36 5.81 -17.10
CA THR B 118 16.49 5.37 -17.90
C THR B 118 17.76 5.84 -17.20
N ALA B 119 18.71 4.93 -17.08
CA ALA B 119 20.01 5.29 -16.57
C ALA B 119 20.79 6.16 -17.57
N GLN B 120 21.29 7.25 -17.06
CA GLN B 120 22.07 8.22 -17.83
C GLN B 120 23.28 8.47 -17.06
N GLN B 121 24.26 9.16 -17.70
CA GLN B 121 25.43 9.60 -16.97
C GLN B 121 25.05 10.52 -15.80
N GLY B 122 25.37 10.13 -14.54
CA GLY B 122 25.11 11.00 -13.40
C GLY B 122 23.70 10.92 -12.73
N GLY B 123 22.86 10.07 -13.24
CA GLY B 123 21.50 9.94 -12.66
C GLY B 123 20.58 9.19 -13.55
N TRP B 124 19.28 9.34 -13.30
CA TRP B 124 18.24 8.65 -13.97
C TRP B 124 17.18 9.69 -14.38
N GLU B 125 16.63 9.42 -15.56
CA GLU B 125 15.67 10.28 -16.23
C GLU B 125 14.43 9.55 -16.66
N LYS B 126 13.31 10.29 -16.59
CA LYS B 126 12.04 9.89 -17.15
C LYS B 126 11.40 11.17 -17.79
N CYS B 127 11.46 11.23 -19.11
CA CYS B 127 11.18 12.51 -19.84
C CYS B 127 10.47 12.20 -21.13
N SER C 1 -22.57 -17.47 1.66
CA SER C 1 -22.52 -16.77 2.99
CA SER C 1 -22.46 -16.81 2.94
C SER C 1 -21.90 -15.37 2.80
N CYS C 2 -20.81 -15.18 2.01
CA CYS C 2 -20.41 -13.77 1.72
C CYS C 2 -20.23 -13.61 0.21
N ALA C 3 -21.04 -12.79 -0.46
CA ALA C 3 -20.87 -12.61 -1.95
C ALA C 3 -20.07 -11.36 -2.12
N ILE C 4 -19.11 -11.45 -3.01
CA ILE C 4 -18.08 -10.41 -3.14
C ILE C 4 -17.90 -10.12 -4.63
N ASP C 5 -17.92 -8.83 -5.00
CA ASP C 5 -17.63 -8.37 -6.38
C ASP C 5 -16.45 -9.12 -6.91
N GLN C 6 -16.62 -9.74 -8.05
CA GLN C 6 -15.59 -10.54 -8.70
CA GLN C 6 -15.63 -10.54 -8.68
C GLN C 6 -14.27 -9.84 -8.88
N ASP C 7 -14.33 -8.53 -9.16
CA ASP C 7 -13.09 -7.75 -9.31
C ASP C 7 -12.26 -7.73 -7.99
N PHE C 8 -12.96 -7.80 -6.84
CA PHE C 8 -12.33 -7.80 -5.53
C PHE C 8 -11.77 -9.19 -5.23
N LEU C 9 -12.45 -10.26 -5.56
CA LEU C 9 -11.95 -11.56 -5.47
C LEU C 9 -10.62 -11.65 -6.27
N ASP C 10 -10.66 -11.18 -7.54
CA ASP C 10 -9.45 -11.32 -8.35
C ASP C 10 -8.29 -10.54 -7.77
N ALA C 11 -8.49 -9.36 -7.24
CA ALA C 11 -7.48 -8.53 -6.71
C ALA C 11 -6.73 -9.14 -5.54
N ALA C 12 -7.48 -9.85 -4.74
CA ALA C 12 -6.92 -10.43 -3.51
C ALA C 12 -6.54 -11.94 -3.77
N GLY C 13 -6.84 -12.51 -4.94
CA GLY C 13 -6.53 -13.89 -5.25
C GLY C 13 -7.42 -14.89 -4.52
N ILE C 14 -8.57 -14.44 -4.20
CA ILE C 14 -9.62 -15.30 -3.48
C ILE C 14 -10.45 -15.98 -4.60
N LEU C 15 -10.77 -17.27 -4.37
CA LEU C 15 -11.55 -18.02 -5.26
C LEU C 15 -13.01 -18.16 -4.84
N GLU C 16 -13.98 -18.21 -5.76
CA GLU C 16 -15.36 -18.68 -5.47
C GLU C 16 -15.22 -20.01 -4.80
N ASN C 17 -15.99 -20.11 -3.75
CA ASN C 17 -16.06 -21.31 -2.88
C ASN C 17 -14.94 -21.53 -1.92
N GLU C 18 -14.00 -20.61 -1.82
CA GLU C 18 -12.86 -20.65 -0.93
C GLU C 18 -13.28 -20.19 0.51
N ALA C 19 -12.82 -20.90 1.50
CA ALA C 19 -13.02 -20.44 2.89
C ALA C 19 -12.33 -19.08 3.10
N ILE C 20 -13.00 -18.21 3.75
CA ILE C 20 -12.54 -16.90 4.14
C ILE C 20 -12.89 -16.56 5.55
N ASP C 21 -12.05 -15.74 6.20
CA ASP C 21 -12.31 -15.17 7.48
C ASP C 21 -12.70 -13.70 7.37
N ILE C 22 -13.71 -13.29 8.18
CA ILE C 22 -14.14 -11.92 8.21
C ILE C 22 -13.93 -11.33 9.63
N TRP C 23 -13.23 -10.20 9.71
CA TRP C 23 -13.00 -9.54 10.91
C TRP C 23 -13.67 -8.21 10.86
N ASN C 24 -14.65 -7.99 11.73
CA ASN C 24 -15.51 -6.79 11.64
C ASN C 24 -14.89 -5.65 12.48
N VAL C 25 -14.42 -4.63 11.79
CA VAL C 25 -13.76 -3.51 12.51
C VAL C 25 -14.80 -2.72 13.31
N THR C 26 -16.02 -2.66 12.81
CA THR C 26 -17.05 -1.87 13.42
C THR C 26 -17.53 -2.41 14.74
N ASN C 27 -17.85 -3.74 14.78
CA ASN C 27 -18.41 -4.36 15.97
C ASN C 27 -17.54 -5.44 16.62
N GLY C 28 -16.31 -5.69 16.20
CA GLY C 28 -15.38 -6.59 16.67
C GLY C 28 -15.60 -8.11 16.46
N LYS C 29 -16.71 -8.49 15.81
CA LYS C 29 -16.95 -9.92 15.58
C LYS C 29 -16.05 -10.53 14.56
N ARG C 30 -15.70 -11.80 14.74
CA ARG C 30 -14.78 -12.52 13.87
C ARG C 30 -15.46 -13.85 13.56
N PHE C 31 -15.55 -14.12 12.29
CA PHE C 31 -16.33 -15.27 11.78
C PHE C 31 -15.70 -15.82 10.54
N SER C 32 -15.97 -17.08 10.23
CA SER C 32 -15.45 -17.71 9.03
C SER C 32 -16.55 -18.21 8.21
N VAL C 33 -16.45 -17.99 6.90
CA VAL C 33 -17.50 -18.33 5.94
C VAL C 33 -16.84 -18.81 4.68
N TYR C 34 -17.51 -18.65 3.49
CA TYR C 34 -16.85 -19.03 2.20
C TYR C 34 -17.31 -17.90 1.23
N ALA C 35 -16.60 -17.75 0.21
CA ALA C 35 -16.88 -16.71 -0.79
C ALA C 35 -17.80 -17.25 -1.89
N ILE C 36 -18.77 -16.44 -2.23
CA ILE C 36 -19.50 -16.56 -3.46
C ILE C 36 -19.27 -15.31 -4.27
N ALA C 37 -19.49 -15.45 -5.58
CA ALA C 37 -19.29 -14.35 -6.46
C ALA C 37 -20.46 -13.40 -6.55
N ALA C 38 -20.19 -12.12 -6.55
CA ALA C 38 -21.11 -11.14 -6.99
C ALA C 38 -20.64 -10.53 -8.30
N GLU C 39 -21.64 -9.99 -8.98
CA GLU C 39 -21.50 -9.39 -10.29
C GLU C 39 -20.33 -8.38 -10.35
N ARG C 40 -19.51 -8.60 -11.36
CA ARG C 40 -18.32 -7.71 -11.56
C ARG C 40 -18.69 -6.26 -11.71
N GLY C 41 -18.07 -5.39 -10.91
CA GLY C 41 -18.50 -4.01 -10.92
C GLY C 41 -19.56 -3.49 -10.03
N SER C 42 -20.25 -4.42 -9.37
CA SER C 42 -21.31 -4.14 -8.48
C SER C 42 -20.83 -3.50 -7.13
N ARG C 43 -19.59 -3.71 -6.81
CA ARG C 43 -19.03 -3.27 -5.52
CA ARG C 43 -19.03 -3.28 -5.55
C ARG C 43 -19.62 -4.00 -4.28
N ILE C 44 -20.42 -5.02 -4.58
CA ILE C 44 -21.19 -5.67 -3.49
C ILE C 44 -20.24 -6.43 -2.50
N ILE C 45 -20.61 -6.38 -1.23
CA ILE C 45 -20.11 -7.26 -0.14
C ILE C 45 -21.36 -7.57 0.60
N SER C 46 -21.88 -8.76 0.38
CA SER C 46 -23.13 -9.19 0.94
C SER C 46 -22.95 -10.26 1.98
N VAL C 47 -23.33 -10.03 3.20
CA VAL C 47 -23.17 -11.00 4.25
C VAL C 47 -24.53 -11.73 4.43
N ASN C 48 -24.60 -13.03 4.10
CA ASN C 48 -25.89 -13.70 3.85
C ASN C 48 -26.12 -14.80 4.85
N GLY C 49 -27.39 -15.09 5.10
CA GLY C 49 -27.73 -16.16 5.90
C GLY C 49 -27.36 -16.08 7.33
N ALA C 50 -26.89 -17.18 7.92
CA ALA C 50 -26.55 -17.06 9.34
C ALA C 50 -25.49 -16.06 9.67
N ALA C 51 -24.60 -15.78 8.71
CA ALA C 51 -23.52 -14.75 8.88
C ALA C 51 -24.06 -13.34 9.08
N ALA C 52 -25.31 -13.11 8.69
CA ALA C 52 -25.86 -11.76 8.81
C ALA C 52 -26.18 -11.39 10.28
N HIS C 53 -26.10 -12.34 11.21
CA HIS C 53 -26.11 -12.07 12.60
C HIS C 53 -24.81 -11.33 13.04
N CSO C 54 -23.80 -11.37 12.22
CA CSO C 54 -22.46 -10.91 12.61
CB CSO C 54 -21.49 -11.93 12.19
SG CSO C 54 -21.75 -13.62 12.88
C CSO C 54 -22.04 -9.62 11.95
O CSO C 54 -20.98 -9.11 12.27
OD CSO C 54 -20.97 -13.62 14.35
N ALA C 55 -22.79 -9.08 10.99
CA ALA C 55 -22.49 -7.81 10.42
C ALA C 55 -23.76 -7.12 10.01
N SER C 56 -23.67 -5.84 9.88
CA SER C 56 -24.77 -4.98 9.39
C SER C 56 -24.30 -4.18 8.21
N VAL C 57 -25.26 -3.73 7.37
CA VAL C 57 -24.93 -2.78 6.35
C VAL C 57 -24.21 -1.55 6.81
N GLY C 58 -23.10 -1.23 6.19
CA GLY C 58 -22.29 -0.12 6.56
C GLY C 58 -21.07 -0.53 7.41
N ASP C 59 -21.06 -1.72 7.98
CA ASP C 59 -19.89 -2.20 8.78
C ASP C 59 -18.64 -2.25 7.88
N ILE C 60 -17.50 -1.90 8.48
CA ILE C 60 -16.22 -2.01 7.84
C ILE C 60 -15.53 -3.31 8.29
N VAL C 61 -15.24 -4.13 7.25
CA VAL C 61 -14.69 -5.44 7.58
C VAL C 61 -13.36 -5.64 6.87
N ILE C 62 -12.61 -6.67 7.30
CA ILE C 62 -11.39 -7.08 6.68
C ILE C 62 -11.64 -8.54 6.30
N ILE C 63 -11.43 -8.94 5.05
CA ILE C 63 -11.77 -10.28 4.57
C ILE C 63 -10.42 -10.92 4.21
N ALA C 64 -10.13 -12.08 4.75
CA ALA C 64 -8.81 -12.75 4.46
C ALA C 64 -8.93 -14.17 4.03
N SER C 65 -8.08 -14.62 3.18
CA SER C 65 -7.91 -16.00 2.88
C SER C 65 -6.52 -16.50 3.22
N PHE C 66 -6.42 -17.75 3.66
CA PHE C 66 -5.19 -18.41 4.14
C PHE C 66 -4.96 -19.61 3.27
N VAL C 67 -3.67 -19.91 2.95
CA VAL C 67 -3.24 -21.09 2.18
C VAL C 67 -2.14 -21.81 2.94
N THR C 68 -1.92 -23.07 2.58
CA THR C 68 -0.84 -23.79 3.15
C THR C 68 0.19 -24.13 2.10
N MET C 69 1.43 -24.18 2.56
CA MET C 69 2.58 -24.45 1.72
C MET C 69 3.74 -24.89 2.53
N PRO C 70 4.71 -25.59 1.88
CA PRO C 70 5.90 -25.96 2.68
C PRO C 70 6.70 -24.84 3.22
N ASP C 71 7.36 -25.07 4.33
CA ASP C 71 8.19 -24.09 4.99
C ASP C 71 9.09 -23.26 4.09
N GLU C 72 9.74 -23.94 3.13
CA GLU C 72 10.71 -23.22 2.26
C GLU C 72 10.06 -22.21 1.36
N GLU C 73 8.88 -22.51 0.86
CA GLU C 73 8.13 -21.61 0.00
C GLU C 73 7.56 -20.44 0.87
N ALA C 74 7.18 -20.79 2.07
CA ALA C 74 6.50 -19.77 2.93
C ALA C 74 7.42 -18.67 3.31
N ARG C 75 8.71 -18.97 3.37
CA ARG C 75 9.68 -17.91 3.62
C ARG C 75 9.78 -16.86 2.54
N THR C 76 9.37 -17.11 1.33
CA THR C 76 9.46 -16.05 0.35
C THR C 76 8.08 -15.61 -0.12
N TRP C 77 7.05 -16.05 0.62
CA TRP C 77 5.72 -15.88 0.05
C TRP C 77 5.29 -14.41 0.17
N ARG C 78 4.58 -13.92 -0.84
CA ARG C 78 4.02 -12.55 -0.78
CA ARG C 78 4.03 -12.55 -0.88
C ARG C 78 2.50 -12.56 -0.93
N PRO C 79 1.82 -11.97 0.08
CA PRO C 79 0.33 -12.01 -0.01
C PRO C 79 -0.22 -11.00 -0.96
N ASN C 80 -1.41 -11.19 -1.46
CA ASN C 80 -2.13 -10.33 -2.33
C ASN C 80 -3.03 -9.44 -1.53
N VAL C 81 -2.68 -8.16 -1.36
CA VAL C 81 -3.39 -7.22 -0.53
C VAL C 81 -4.13 -6.12 -1.34
N ALA C 82 -5.36 -5.84 -1.05
CA ALA C 82 -6.06 -4.81 -1.82
C ALA C 82 -6.69 -3.87 -0.75
N TYR C 83 -6.61 -2.58 -1.02
CA TYR C 83 -7.00 -1.52 -0.07
C TYR C 83 -8.12 -0.63 -0.60
N PHE C 84 -9.13 -0.44 0.25
CA PHE C 84 -10.39 0.23 -0.10
C PHE C 84 -10.57 1.44 0.72
N GLU C 85 -11.28 2.40 0.08
CA GLU C 85 -11.84 3.52 0.78
C GLU C 85 -13.20 3.86 0.23
N GLY C 86 -13.89 4.68 1.01
CA GLY C 86 -15.17 5.19 0.56
C GLY C 86 -16.17 4.09 0.30
N ASP C 87 -16.89 4.18 -0.79
CA ASP C 87 -17.89 3.11 -1.14
C ASP C 87 -17.29 2.01 -1.96
N ASN C 88 -16.40 1.24 -1.30
CA ASN C 88 -15.72 0.17 -1.92
C ASN C 88 -14.99 0.57 -3.24
N GLU C 89 -14.25 1.69 -3.14
CA GLU C 89 -13.35 2.02 -4.24
CA GLU C 89 -13.32 2.07 -4.17
C GLU C 89 -11.97 1.47 -3.95
N MET C 90 -11.49 0.69 -4.86
CA MET C 90 -10.17 0.08 -4.72
C MET C 90 -9.11 1.06 -4.98
N LYS C 91 -8.32 1.36 -3.99
CA LYS C 91 -7.30 2.44 -4.10
C LYS C 91 -5.91 1.90 -4.46
N ARG C 92 -5.52 0.67 -4.07
CA ARG C 92 -4.21 0.13 -4.25
C ARG C 92 -4.22 -1.35 -4.10
N THR C 93 -3.37 -2.03 -4.83
CA THR C 93 -3.03 -3.46 -4.59
C THR C 93 -1.58 -3.52 -4.32
N ALA C 94 -1.13 -4.48 -3.53
CA ALA C 94 0.22 -4.61 -3.13
C ALA C 94 0.55 -6.06 -2.87
N LYS C 95 1.83 -6.35 -2.68
CA LYS C 95 2.34 -7.72 -2.44
C LYS C 95 3.14 -7.84 -1.14
N ALA C 96 3.00 -6.86 -0.23
CA ALA C 96 3.71 -6.91 1.04
C ALA C 96 3.13 -5.86 1.94
N ILE C 97 3.21 -6.11 3.22
CA ILE C 97 2.89 -5.17 4.24
C ILE C 97 4.15 -4.65 4.82
N PRO C 98 4.24 -3.32 5.11
CA PRO C 98 5.52 -2.82 5.57
C PRO C 98 5.82 -3.27 7.00
N VAL C 99 7.01 -2.96 7.46
CA VAL C 99 7.41 -3.21 8.83
C VAL C 99 6.97 -2.12 9.76
N GLN C 100 6.34 -2.38 10.89
CA GLN C 100 5.93 -1.38 11.83
C GLN C 100 7.10 -0.97 12.64
N VAL C 101 7.42 0.33 12.74
CA VAL C 101 8.59 0.83 13.46
C VAL C 101 8.20 1.51 14.71
N ALA C 102 9.16 1.66 15.67
CA ALA C 102 8.89 2.39 16.84
C ALA C 102 8.79 3.90 16.70
N1A ACO D . 17.72 -5.51 -5.85
C2A ACO D . 17.13 -5.55 -7.05
N3A ACO D . 16.00 -4.86 -7.30
C4A ACO D . 15.45 -4.06 -6.32
C5A ACO D . 16.04 -3.99 -5.06
C6A ACO D . 17.20 -4.83 -4.81
N6A ACO D . 17.82 -4.75 -3.63
N7A ACO D . 15.32 -3.12 -4.35
C8A ACO D . 14.36 -2.71 -5.13
N9A ACO D . 14.44 -3.25 -6.31
C1B ACO D . 13.56 -3.12 -7.43
C2B ACO D . 12.76 -4.39 -7.71
O2B ACO D . 12.33 -4.53 -9.04
C3B ACO D . 11.49 -4.16 -6.91
O3B ACO D . 10.29 -4.86 -7.28
P3B ACO D . 9.98 -6.38 -6.68
O7A ACO D . 10.39 -6.42 -5.26
O8A ACO D . 11.09 -7.17 -7.28
O9A ACO D . 8.55 -6.49 -7.18
C4B ACO D . 11.24 -2.68 -7.14
O4B ACO D . 12.56 -2.15 -7.18
C5B ACO D . 10.47 -1.99 -6.02
O5B ACO D . 11.18 -2.06 -4.86
P1A ACO D . 10.65 -1.41 -3.50
O1A ACO D . 10.35 -2.59 -2.55
O2A ACO D . 9.56 -0.42 -3.68
O3A ACO D . 11.96 -0.80 -3.00
P2A ACO D . 12.41 -0.19 -1.60
O4A ACO D . 13.30 -1.16 -0.93
O5A ACO D . 11.22 0.23 -0.84
O6A ACO D . 13.28 1.11 -2.00
CBP ACO D . 15.39 1.99 -2.51
CCP ACO D . 14.33 1.03 -2.99
CDP ACO D . 14.82 3.41 -2.49
CEP ACO D . 16.50 1.98 -3.58
CAP ACO D . 15.99 1.70 -1.13
OAP ACO D . 16.85 0.54 -1.12
C9P ACO D . 16.77 2.74 -0.48
O9P ACO D . 16.39 3.72 0.19
N8P ACO D . 18.13 2.63 -0.70
C7P ACO D . 19.03 3.72 -0.31
C6P ACO D . 19.08 4.82 -1.40
C5P ACO D . 20.09 5.83 -1.03
O5P ACO D . 21.31 5.64 -0.81
N4P ACO D . 19.61 7.05 -0.77
C3P ACO D . 20.48 8.10 -0.27
C2P ACO D . 20.01 9.37 -0.90
S1P ACO D . 20.92 10.72 -0.17
C ACO D . 20.09 11.04 1.23
O ACO D . 19.04 10.32 1.40
CH3 ACO D . 20.62 12.11 2.12
MG MG E . 9.86 -1.22 0.92
CL CL F . -5.05 -28.94 8.20
#